data_3CJY
#
_entry.id   3CJY
#
_cell.length_a   60.053
_cell.length_b   111.755
_cell.length_c   74.967
_cell.angle_alpha   90.000
_cell.angle_beta   90.000
_cell.angle_gamma   90.000
#
_symmetry.space_group_name_H-M   'C 2 2 21'
#
loop_
_entity.id
_entity.type
_entity.pdbx_description
1 polymer 'Putative thioesterase'
2 non-polymer 'CALCIUM ION'
3 non-polymer 'TRIETHYLENE GLYCOL'
4 non-polymer GLYCEROL
5 non-polymer DI(HYDROXYETHYL)ETHER
6 water water
#
_entity_poly.entity_id   1
_entity_poly.type   'polypeptide(L)'
_entity_poly.pdbx_seq_one_letter_code
;G(MSE)TEAFPALVRQDDARYAITVGPDLAVGPPGHAYLFGGAS(MSE)ALALDVAAETVGRPVVQGSLQFVSFTPLGSV
LDLTVEVLQSGRTLAQARVAGTVDGRLVFHSGISLG(MSE)REGFSARQWALAPPVPQPDNCPPCTTLPAQDDNARYLEG
IEVREAGGPEVPSGRTRLWLRRKDGAPLDAASLA(MSE)FADFLPIALGRATGCSGGGNSLDNSLRITGAAAPGWCLCD
(MSE)IIPSSASGFAQGQVTLWDQSGRLLATGAQSLLLKG
;
_entity_poly.pdbx_strand_id   A
#
loop_
_chem_comp.id
_chem_comp.type
_chem_comp.name
_chem_comp.formula
CA non-polymer 'CALCIUM ION' 'Ca 2'
GOL non-polymer GLYCEROL 'C3 H8 O3'
PEG non-polymer DI(HYDROXYETHYL)ETHER 'C4 H10 O3'
PGE non-polymer 'TRIETHYLENE GLYCOL' 'C6 H14 O4'
#
# COMPACT_ATOMS: atom_id res chain seq x y z
N ALA A 5 -8.48 7.41 9.43
CA ALA A 5 -7.59 6.30 8.94
C ALA A 5 -6.46 5.99 9.93
N PHE A 6 -5.86 7.03 10.50
CA PHE A 6 -4.78 6.87 11.46
C PHE A 6 -5.00 7.74 12.69
N PRO A 7 -5.71 7.20 13.71
CA PRO A 7 -6.01 7.90 14.97
C PRO A 7 -4.77 8.47 15.67
N ALA A 8 -3.67 7.73 15.58
CA ALA A 8 -2.41 8.12 16.26
C ALA A 8 -1.65 9.23 15.51
N LEU A 9 -2.14 9.59 14.34
CA LEU A 9 -1.51 10.64 13.52
C LEU A 9 -1.85 12.00 14.10
N VAL A 10 -0.82 12.80 14.36
CA VAL A 10 -1.03 14.14 14.91
C VAL A 10 -0.62 15.21 13.92
N ARG A 11 -1.47 16.19 13.75
CA ARG A 11 -1.21 17.31 12.86
C ARG A 11 -0.67 18.49 13.66
N GLN A 12 0.49 19.00 13.26
CA GLN A 12 1.05 20.15 13.94
C GLN A 12 0.48 21.38 13.24
N ASP A 13 0.35 21.27 11.92
CA ASP A 13 -0.23 22.32 11.10
C ASP A 13 -0.54 21.83 9.70
N ASP A 14 -1.00 22.74 8.85
CA ASP A 14 -1.20 22.38 7.45
C ASP A 14 0.30 22.02 7.26
N ALA A 15 0.66 21.12 6.38
CA ALA A 15 2.08 20.88 6.17
C ALA A 15 2.85 19.99 7.15
N ARG A 16 2.58 19.99 8.47
CA ARG A 16 3.41 19.12 9.34
C ARG A 16 2.63 18.19 10.26
N TYR A 17 2.98 16.90 10.16
CA TYR A 17 2.31 15.83 10.91
C TYR A 17 3.31 14.86 11.53
N ALA A 18 2.89 14.14 12.55
CA ALA A 18 3.76 13.11 13.16
C ALA A 18 2.95 11.92 13.69
N ILE A 19 3.58 10.76 13.65
CA ILE A 19 2.95 9.53 14.14
C ILE A 19 4.05 8.60 14.68
N THR A 20 3.80 7.97 15.82
CA THR A 20 4.73 7.02 16.40
C THR A 20 4.39 5.65 15.85
N VAL A 21 5.39 4.97 15.35
CA VAL A 21 5.21 3.64 14.73
C VAL A 21 5.17 2.55 15.83
N GLY A 22 3.99 1.96 15.96
CA GLY A 22 3.73 0.87 16.90
C GLY A 22 3.63 -0.46 16.16
N PRO A 23 3.52 -1.57 16.91
CA PRO A 23 3.53 -2.90 16.31
C PRO A 23 2.47 -3.10 15.25
N ASP A 24 1.37 -2.37 15.38
N ASP A 24 1.35 -2.41 15.38
CA ASP A 24 0.23 -2.54 14.44
CA ASP A 24 0.23 -2.63 14.44
C ASP A 24 0.54 -2.12 13.02
C ASP A 24 0.50 -2.07 13.03
N LEU A 25 1.56 -1.29 12.90
CA LEU A 25 1.96 -0.75 11.58
C LEU A 25 3.30 -1.34 11.12
N ALA A 26 3.82 -2.30 11.90
CA ALA A 26 5.11 -2.89 11.62
C ALA A 26 5.10 -4.26 10.99
N VAL A 27 6.07 -4.45 10.11
CA VAL A 27 6.35 -5.75 9.49
C VAL A 27 7.86 -6.06 9.59
N GLY A 28 8.15 -7.31 9.30
CA GLY A 28 9.51 -7.80 9.21
C GLY A 28 9.67 -9.22 9.70
N PRO A 29 10.74 -9.88 9.25
CA PRO A 29 11.05 -11.19 9.76
C PRO A 29 11.61 -11.04 11.17
N PRO A 30 11.61 -12.15 11.91
CA PRO A 30 12.10 -12.14 13.28
C PRO A 30 13.43 -11.45 13.36
N GLY A 31 13.50 -10.51 14.29
CA GLY A 31 14.69 -9.76 14.55
C GLY A 31 14.62 -8.40 13.94
N HIS A 32 13.57 -8.22 13.14
CA HIS A 32 13.34 -6.98 12.45
C HIS A 32 11.88 -6.57 12.57
N ALA A 33 11.69 -5.28 12.75
CA ALA A 33 10.38 -4.67 12.84
C ALA A 33 10.52 -3.24 12.37
N TYR A 34 9.90 -2.99 11.21
N TYR A 34 9.87 -2.95 11.25
CA TYR A 34 9.93 -1.68 10.57
CA TYR A 34 9.91 -1.60 10.69
C TYR A 34 8.54 -1.30 10.08
C TYR A 34 8.56 -1.29 10.10
N LEU A 35 8.33 0.00 9.91
CA LEU A 35 7.12 0.52 9.32
C LEU A 35 6.89 -0.09 7.95
N PHE A 36 5.71 -0.69 7.83
CA PHE A 36 5.20 -1.27 6.60
C PHE A 36 5.20 -0.22 5.48
N GLY A 37 5.77 -0.59 4.34
CA GLY A 37 5.86 0.32 3.20
C GLY A 37 4.51 0.88 2.80
N GLY A 38 3.51 -0.02 2.73
CA GLY A 38 2.16 0.39 2.38
C GLY A 38 1.58 1.39 3.34
N ALA A 39 1.98 1.26 4.60
CA ALA A 39 1.50 2.21 5.64
C ALA A 39 2.17 3.55 5.39
N SER A 40 3.42 3.53 4.96
CA SER A 40 4.12 4.77 4.63
C SER A 40 3.36 5.49 3.50
N MSE A 41 3.03 4.72 2.48
CA MSE A 41 2.27 5.28 1.36
CA MSE A 41 2.25 5.23 1.35
C MSE A 41 0.91 5.81 1.86
O MSE A 41 0.54 6.97 1.58
CB MSE A 41 2.07 4.30 0.22
CB MSE A 41 2.04 4.10 0.33
CG MSE A 41 1.09 4.88 -0.78
CG MSE A 41 1.35 4.51 -0.95
SE MSE A 41 1.78 6.45 -1.80
SE MSE A 41 2.43 5.53 -2.24
CE MSE A 41 2.77 5.41 -3.07
CE MSE A 41 2.37 7.27 -1.44
N ALA A 42 0.21 5.02 2.64
CA ALA A 42 -1.09 5.42 3.21
C ALA A 42 -1.01 6.74 3.93
N LEU A 43 0.03 6.89 4.76
CA LEU A 43 0.25 8.08 5.57
C LEU A 43 0.57 9.27 4.70
N ALA A 44 1.37 9.03 3.68
CA ALA A 44 1.75 10.12 2.78
C ALA A 44 0.50 10.64 2.06
N LEU A 45 -0.33 9.70 1.61
CA LEU A 45 -1.54 10.09 0.91
C LEU A 45 -2.56 10.74 1.80
N ASP A 46 -2.57 10.32 3.05
N ASP A 46 -2.65 10.28 3.04
CA ASP A 46 -3.51 10.83 4.05
CA ASP A 46 -3.62 10.87 3.98
C ASP A 46 -3.20 12.30 4.33
C ASP A 46 -3.23 12.31 4.43
N VAL A 47 -1.93 12.58 4.62
CA VAL A 47 -1.50 13.95 4.99
C VAL A 47 -1.65 14.91 3.80
N ALA A 48 -1.42 14.40 2.61
CA ALA A 48 -1.57 15.19 1.37
C ALA A 48 -3.03 15.57 1.17
N ALA A 49 -3.92 14.60 1.29
CA ALA A 49 -5.36 14.87 1.12
C ALA A 49 -5.88 15.82 2.21
N GLU A 50 -5.35 15.64 3.40
CA GLU A 50 -5.80 16.43 4.57
C GLU A 50 -5.30 17.87 4.43
N THR A 51 -4.09 18.03 3.90
CA THR A 51 -3.52 19.36 3.72
C THR A 51 -4.17 20.06 2.53
N VAL A 52 -4.38 19.34 1.44
CA VAL A 52 -4.94 19.96 0.23
C VAL A 52 -6.47 20.07 0.25
N GLY A 53 -7.13 19.12 0.89
CA GLY A 53 -8.57 19.15 1.02
C GLY A 53 -9.29 18.55 -0.15
N ARG A 54 -8.63 17.61 -0.81
N ARG A 54 -8.57 17.67 -0.87
CA ARG A 54 -9.26 16.88 -1.89
CA ARG A 54 -9.09 16.99 -2.06
C ARG A 54 -8.65 15.50 -1.98
C ARG A 54 -8.56 15.54 -2.10
N PRO A 55 -9.31 14.61 -2.72
CA PRO A 55 -8.89 13.22 -2.76
C PRO A 55 -7.72 12.92 -3.69
N VAL A 56 -6.98 11.89 -3.34
CA VAL A 56 -5.83 11.49 -4.11
C VAL A 56 -6.23 10.80 -5.37
N VAL A 57 -5.52 11.12 -6.45
CA VAL A 57 -5.65 10.45 -7.75
C VAL A 57 -4.51 9.46 -7.89
N GLN A 58 -3.29 9.88 -7.54
CA GLN A 58 -2.17 8.95 -7.63
C GLN A 58 -1.05 9.42 -6.81
N GLY A 59 -0.18 8.50 -6.41
CA GLY A 59 1.03 8.91 -5.68
C GLY A 59 2.17 7.92 -5.92
N SER A 60 3.38 8.46 -5.86
CA SER A 60 4.58 7.62 -5.93
C SER A 60 5.45 7.99 -4.77
N LEU A 61 6.05 6.98 -4.16
CA LEU A 61 6.92 7.21 -2.98
C LEU A 61 8.18 6.37 -3.13
N GLN A 62 9.32 7.02 -2.89
CA GLN A 62 10.64 6.38 -2.97
C GLN A 62 11.15 6.15 -1.57
N PHE A 63 11.56 4.92 -1.27
CA PHE A 63 12.07 4.60 0.07
C PHE A 63 13.57 4.83 0.10
N VAL A 64 13.99 5.66 1.04
CA VAL A 64 15.39 6.06 1.17
C VAL A 64 16.06 5.29 2.29
N SER A 65 15.32 5.12 3.37
N SER A 65 15.35 5.13 3.39
CA SER A 65 15.81 4.42 4.56
CA SER A 65 15.83 4.30 4.50
C SER A 65 14.66 3.83 5.37
C SER A 65 14.67 3.64 5.22
N PHE A 66 15.02 2.96 6.31
CA PHE A 66 14.05 2.24 7.14
C PHE A 66 13.60 3.07 8.33
N THR A 67 12.34 2.83 8.71
CA THR A 67 11.73 3.44 9.89
C THR A 67 11.50 2.32 10.93
N PRO A 68 12.39 2.21 11.90
CA PRO A 68 12.24 1.19 12.90
C PRO A 68 10.98 1.30 13.71
N LEU A 69 10.50 0.15 14.16
CA LEU A 69 9.40 0.13 15.14
C LEU A 69 9.74 1.08 16.28
N GLY A 70 8.75 1.87 16.67
CA GLY A 70 8.89 2.78 17.77
C GLY A 70 9.35 4.18 17.42
N SER A 71 9.77 4.40 16.18
CA SER A 71 10.20 5.74 15.74
C SER A 71 9.03 6.68 15.64
N VAL A 72 9.35 7.95 15.74
CA VAL A 72 8.40 9.00 15.45
C VAL A 72 8.72 9.39 13.99
N LEU A 73 7.70 9.27 13.17
CA LEU A 73 7.78 9.60 11.76
C LEU A 73 7.18 10.98 11.61
N ASP A 74 8.00 11.90 11.12
CA ASP A 74 7.53 13.25 10.81
C ASP A 74 7.20 13.30 9.33
N LEU A 75 6.03 13.83 9.00
CA LEU A 75 5.67 14.02 7.61
C LEU A 75 5.46 15.49 7.33
N THR A 76 6.13 15.96 6.27
CA THR A 76 6.05 17.35 5.85
C THR A 76 5.51 17.41 4.43
N VAL A 77 4.47 18.22 4.28
CA VAL A 77 3.77 18.41 3.00
C VAL A 77 4.05 19.74 2.33
N GLU A 78 4.43 19.68 1.06
CA GLU A 78 4.64 20.85 0.24
C GLU A 78 3.64 20.81 -0.91
N VAL A 79 2.84 21.85 -1.03
CA VAL A 79 1.89 21.95 -2.12
C VAL A 79 2.56 22.69 -3.27
N LEU A 80 2.72 22.01 -4.38
CA LEU A 80 3.38 22.58 -5.56
C LEU A 80 2.35 23.36 -6.39
N GLN A 81 1.09 23.00 -6.26
CA GLN A 81 -0.01 23.69 -6.97
C GLN A 81 -1.38 23.23 -6.54
N SER A 82 -2.32 24.17 -6.51
CA SER A 82 -3.70 23.85 -6.16
C SER A 82 -4.72 24.73 -6.88
N GLY A 83 -5.13 24.25 -8.04
CA GLY A 83 -6.09 24.95 -8.88
C GLY A 83 -7.44 24.27 -8.88
N ARG A 84 -8.34 24.82 -9.68
CA ARG A 84 -9.68 24.30 -9.77
C ARG A 84 -9.77 22.86 -10.21
N THR A 85 -8.82 22.37 -11.01
CA THR A 85 -9.01 21.01 -11.52
C THR A 85 -8.09 19.98 -10.88
N LEU A 86 -6.96 20.45 -10.38
CA LEU A 86 -5.88 19.59 -9.89
C LEU A 86 -4.97 20.23 -8.84
N ALA A 87 -4.50 19.38 -7.93
CA ALA A 87 -3.50 19.80 -6.98
C ALA A 87 -2.37 18.78 -6.98
N GLN A 88 -1.18 19.29 -6.71
CA GLN A 88 0.00 18.46 -6.58
C GLN A 88 0.77 18.81 -5.35
N ALA A 89 1.28 17.76 -4.71
CA ALA A 89 2.03 17.93 -3.47
C ALA A 89 3.19 16.96 -3.42
N ARG A 90 4.13 17.29 -2.57
CA ARG A 90 5.24 16.42 -2.21
C ARG A 90 5.20 16.21 -0.69
N VAL A 91 5.50 14.99 -0.27
CA VAL A 91 5.53 14.62 1.13
C VAL A 91 6.82 13.93 1.47
N ALA A 92 7.51 14.50 2.45
CA ALA A 92 8.76 13.94 2.93
C ALA A 92 8.51 13.32 4.30
N GLY A 93 9.06 12.12 4.45
CA GLY A 93 9.06 11.43 5.72
C GLY A 93 10.46 11.44 6.28
N THR A 94 10.55 11.81 7.54
CA THR A 94 11.84 11.89 8.24
C THR A 94 11.69 11.37 9.65
N VAL A 95 12.79 10.81 10.14
CA VAL A 95 12.88 10.35 11.50
C VAL A 95 14.14 11.02 12.08
N ASP A 96 13.93 11.83 13.10
CA ASP A 96 15.06 12.48 13.73
C ASP A 96 15.83 13.28 12.68
N GLY A 97 15.10 13.82 11.71
CA GLY A 97 15.69 14.65 10.70
C GLY A 97 16.25 13.88 9.52
N ARG A 98 16.35 12.55 9.67
CA ARG A 98 16.86 11.68 8.60
C ARG A 98 15.77 11.36 7.59
N LEU A 99 16.06 11.52 6.32
CA LEU A 99 15.07 11.20 5.27
C LEU A 99 14.86 9.70 5.12
N VAL A 100 13.61 9.29 5.26
CA VAL A 100 13.25 7.88 5.12
C VAL A 100 12.44 7.62 3.83
N PHE A 101 11.76 8.65 3.36
CA PHE A 101 11.03 8.58 2.08
C PHE A 101 10.64 9.95 1.58
N HIS A 102 10.43 10.05 0.27
CA HIS A 102 9.89 11.24 -0.36
C HIS A 102 8.88 10.79 -1.40
N SER A 103 7.91 11.64 -1.67
CA SER A 103 6.81 11.29 -2.57
C SER A 103 6.24 12.46 -3.33
N GLY A 104 5.58 12.09 -4.40
CA GLY A 104 4.83 13.02 -5.28
C GLY A 104 3.43 12.49 -5.42
N ILE A 105 2.47 13.34 -5.18
CA ILE A 105 1.05 13.00 -5.14
C ILE A 105 0.20 14.02 -5.90
N SER A 106 -0.74 13.49 -6.71
CA SER A 106 -1.70 14.30 -7.44
C SER A 106 -3.05 14.09 -6.77
N LEU A 107 -3.77 15.21 -6.65
CA LEU A 107 -5.08 15.24 -5.98
C LEU A 107 -6.07 15.98 -6.82
N GLY A 108 -7.31 15.53 -6.75
CA GLY A 108 -8.38 16.19 -7.50
C GLY A 108 -9.60 15.33 -7.62
N MSE A 109 -10.66 15.99 -8.04
CA MSE A 109 -11.92 15.32 -8.21
C MSE A 109 -12.79 16.31 -8.96
O MSE A 109 -13.12 17.38 -8.45
CB MSE A 109 -12.50 14.94 -6.85
CG MSE A 109 -13.67 13.98 -6.97
SE MSE A 109 -14.71 13.67 -5.31
CE MSE A 109 -14.95 15.56 -4.79
N ARG A 110 -13.07 15.99 -10.21
CA ARG A 110 -13.81 16.88 -11.11
C ARG A 110 -15.26 16.45 -11.32
N GLU A 111 -16.16 17.42 -11.34
CA GLU A 111 -17.57 17.12 -11.56
C GLU A 111 -17.83 17.01 -13.04
N GLY A 112 -18.86 16.25 -13.39
CA GLY A 112 -19.30 16.24 -14.75
C GLY A 112 -18.79 15.13 -15.63
N PHE A 113 -18.07 14.19 -15.02
CA PHE A 113 -17.52 13.05 -15.74
C PHE A 113 -18.09 11.74 -15.23
N SER A 114 -18.24 10.80 -16.14
CA SER A 114 -18.70 9.46 -15.80
C SER A 114 -17.57 8.57 -15.29
N ALA A 115 -17.93 7.54 -14.55
CA ALA A 115 -17.03 6.50 -14.10
C ALA A 115 -17.00 5.43 -15.18
N ARG A 116 -15.86 4.94 -15.56
CA ARG A 116 -15.82 3.95 -16.63
C ARG A 116 -14.77 2.90 -16.27
N GLN A 117 -15.09 1.66 -16.62
CA GLN A 117 -14.16 0.55 -16.37
C GLN A 117 -14.13 -0.38 -17.59
N TRP A 118 -12.93 -0.52 -18.15
CA TRP A 118 -12.68 -1.42 -19.31
C TRP A 118 -12.15 -2.79 -18.88
N ALA A 119 -11.46 -2.79 -17.74
CA ALA A 119 -10.84 -4.03 -17.22
C ALA A 119 -11.89 -4.88 -16.58
N LEU A 120 -11.73 -6.19 -16.78
CA LEU A 120 -12.57 -7.19 -16.17
C LEU A 120 -11.80 -7.99 -15.12
N ALA A 121 -12.44 -8.15 -13.97
CA ALA A 121 -11.87 -8.90 -12.84
C ALA A 121 -11.61 -10.37 -13.19
N PRO A 122 -10.52 -10.96 -12.66
CA PRO A 122 -10.32 -12.38 -12.95
C PRO A 122 -11.41 -13.23 -12.29
N PRO A 123 -11.76 -14.37 -12.90
CA PRO A 123 -12.86 -15.16 -12.38
C PRO A 123 -12.52 -16.06 -11.21
N VAL A 124 -12.12 -15.47 -10.12
CA VAL A 124 -11.70 -16.24 -8.93
C VAL A 124 -12.93 -16.61 -8.09
N PRO A 125 -12.84 -17.62 -7.22
CA PRO A 125 -13.96 -17.92 -6.34
C PRO A 125 -14.20 -16.78 -5.38
N GLN A 126 -15.43 -16.63 -4.92
CA GLN A 126 -15.76 -15.63 -3.89
C GLN A 126 -15.03 -15.95 -2.57
N PRO A 127 -14.91 -14.98 -1.68
CA PRO A 127 -14.12 -15.18 -0.46
C PRO A 127 -14.46 -16.38 0.38
N ASP A 128 -15.75 -16.66 0.53
CA ASP A 128 -16.15 -17.76 1.40
C ASP A 128 -15.91 -19.12 0.76
N ASN A 129 -15.45 -19.09 -0.47
CA ASN A 129 -15.12 -20.31 -1.21
C ASN A 129 -13.59 -20.47 -1.36
N CYS A 130 -12.87 -19.67 -0.60
CA CYS A 130 -11.39 -19.65 -0.63
C CYS A 130 -10.82 -19.99 0.74
N PRO A 131 -9.76 -20.83 0.79
CA PRO A 131 -9.15 -21.18 2.04
C PRO A 131 -8.23 -20.11 2.60
N PRO A 132 -8.04 -20.12 3.93
CA PRO A 132 -7.07 -19.23 4.50
C PRO A 132 -5.66 -19.46 3.95
N CYS A 133 -4.93 -18.36 3.90
CA CYS A 133 -3.56 -18.41 3.49
C CYS A 133 -2.75 -18.82 4.73
N THR A 134 -2.09 -19.97 4.65
CA THR A 134 -1.31 -20.50 5.80
C THR A 134 0.20 -20.36 5.56
N THR A 135 0.56 -19.65 4.51
CA THR A 135 1.95 -19.51 4.09
C THR A 135 2.50 -18.09 4.08
N LEU A 136 1.97 -17.22 4.92
CA LEU A 136 2.48 -15.87 4.97
C LEU A 136 3.90 -15.92 5.54
N PRO A 137 4.73 -14.95 5.20
CA PRO A 137 6.07 -15.06 5.74
C PRO A 137 6.11 -14.87 7.25
N ALA A 138 7.06 -15.56 7.88
CA ALA A 138 7.25 -15.42 9.32
C ALA A 138 7.55 -13.96 9.64
N GLN A 139 6.98 -13.50 10.74
CA GLN A 139 7.11 -12.12 11.20
C GLN A 139 7.62 -12.08 12.63
N ASP A 140 8.40 -11.05 12.89
CA ASP A 140 8.88 -10.76 14.24
C ASP A 140 7.62 -10.63 15.10
N ASP A 141 7.67 -11.10 16.34
CA ASP A 141 6.48 -11.07 17.20
C ASP A 141 6.00 -9.67 17.58
N ASN A 142 6.85 -8.69 17.32
CA ASN A 142 6.55 -7.28 17.59
C ASN A 142 6.17 -6.51 16.30
N ALA A 143 6.14 -7.25 15.18
CA ALA A 143 5.77 -6.68 13.86
C ALA A 143 4.44 -7.32 13.54
N ARG A 144 3.35 -6.62 13.91
CA ARG A 144 2.01 -7.21 13.92
C ARG A 144 1.01 -6.71 12.92
N TYR A 145 1.48 -5.99 11.92
CA TYR A 145 0.54 -5.50 10.90
C TYR A 145 -0.24 -6.64 10.27
N LEU A 146 0.48 -7.66 9.84
CA LEU A 146 -0.20 -8.75 9.12
C LEU A 146 -1.27 -9.44 9.97
N GLU A 147 -1.08 -9.43 11.28
CA GLU A 147 -2.04 -10.11 12.19
C GLU A 147 -3.41 -9.49 12.08
N GLY A 148 -3.44 -8.24 11.66
CA GLY A 148 -4.70 -7.52 11.55
C GLY A 148 -5.42 -7.69 10.22
N ILE A 149 -4.89 -8.55 9.37
CA ILE A 149 -5.49 -8.75 8.07
C ILE A 149 -5.87 -10.20 7.89
N GLU A 150 -7.10 -10.44 7.45
CA GLU A 150 -7.57 -11.76 7.12
C GLU A 150 -7.23 -12.05 5.65
N VAL A 151 -6.48 -13.12 5.40
CA VAL A 151 -5.99 -13.44 4.05
C VAL A 151 -6.44 -14.80 3.58
N ARG A 152 -7.04 -14.82 2.40
CA ARG A 152 -7.43 -16.06 1.79
C ARG A 152 -6.82 -16.20 0.39
N GLU A 153 -6.63 -17.46 0.00
CA GLU A 153 -6.04 -17.76 -1.32
C GLU A 153 -7.10 -17.71 -2.41
N ALA A 154 -6.94 -16.82 -3.39
CA ALA A 154 -7.93 -16.68 -4.46
C ALA A 154 -7.46 -17.26 -5.80
N GLY A 155 -6.23 -17.76 -5.84
CA GLY A 155 -5.62 -18.11 -7.13
C GLY A 155 -5.97 -19.46 -7.74
N GLY A 156 -6.50 -20.35 -6.91
CA GLY A 156 -6.86 -21.67 -7.39
C GLY A 156 -5.63 -22.52 -7.64
N PRO A 157 -5.85 -23.76 -8.09
CA PRO A 157 -4.83 -24.77 -8.29
C PRO A 157 -3.85 -24.41 -9.39
N GLU A 158 -4.33 -23.70 -10.40
CA GLU A 158 -3.52 -23.36 -11.59
C GLU A 158 -3.28 -21.86 -11.81
N VAL A 159 -2.92 -21.13 -10.76
CA VAL A 159 -2.72 -19.66 -10.93
C VAL A 159 -1.58 -19.51 -11.96
N PRO A 160 -1.71 -18.57 -12.88
CA PRO A 160 -0.67 -18.42 -13.89
C PRO A 160 0.68 -17.99 -13.33
N SER A 161 1.70 -18.27 -14.14
CA SER A 161 3.10 -17.96 -13.82
C SER A 161 3.28 -16.54 -13.38
N GLY A 162 3.88 -16.39 -12.21
CA GLY A 162 4.22 -15.06 -11.71
C GLY A 162 3.11 -14.34 -10.96
N ARG A 163 1.91 -14.91 -11.01
CA ARG A 163 0.75 -14.33 -10.35
C ARG A 163 0.46 -14.86 -8.95
N THR A 164 -0.08 -13.96 -8.16
CA THR A 164 -0.59 -14.25 -6.80
C THR A 164 -1.88 -13.45 -6.63
N ARG A 165 -2.95 -14.18 -6.32
CA ARG A 165 -4.28 -13.58 -6.08
C ARG A 165 -4.78 -13.94 -4.69
N LEU A 166 -4.91 -12.90 -3.87
CA LEU A 166 -5.35 -13.04 -2.48
C LEU A 166 -6.61 -12.21 -2.20
N TRP A 167 -7.50 -12.77 -1.40
CA TRP A 167 -8.59 -12.00 -0.81
C TRP A 167 -8.04 -11.45 0.52
N LEU A 168 -8.18 -10.14 0.70
CA LEU A 168 -7.72 -9.45 1.90
C LEU A 168 -8.84 -8.69 2.56
N ARG A 169 -8.88 -8.75 3.89
CA ARG A 169 -9.89 -8.02 4.62
C ARG A 169 -9.33 -7.55 5.95
N ARG A 170 -9.46 -6.26 6.19
CA ARG A 170 -9.04 -5.68 7.49
C ARG A 170 -9.98 -6.20 8.59
N LYS A 171 -9.37 -6.75 9.62
CA LYS A 171 -10.14 -7.27 10.74
C LYS A 171 -10.84 -6.14 11.51
N ASP A 172 -10.32 -4.93 11.38
CA ASP A 172 -10.89 -3.78 12.09
C ASP A 172 -12.08 -3.13 11.37
N GLY A 173 -12.47 -3.74 10.25
CA GLY A 173 -13.66 -3.32 9.49
C GLY A 173 -13.62 -1.95 8.83
N ALA A 174 -12.43 -1.35 8.70
CA ALA A 174 -12.29 -0.06 8.06
C ALA A 174 -12.75 -0.11 6.59
N PRO A 175 -13.26 1.01 6.06
CA PRO A 175 -13.59 0.96 4.64
C PRO A 175 -12.36 0.84 3.77
N LEU A 176 -12.63 0.47 2.52
CA LEU A 176 -11.62 0.32 1.48
C LEU A 176 -11.33 1.70 0.89
N ASP A 177 -10.82 2.55 1.76
CA ASP A 177 -10.41 3.89 1.41
C ASP A 177 -8.98 3.93 0.85
N ALA A 178 -8.47 5.14 0.61
CA ALA A 178 -7.15 5.32 -0.01
C ALA A 178 -6.03 4.65 0.85
N ALA A 179 -6.18 4.81 2.17
CA ALA A 179 -5.21 4.25 3.13
C ALA A 179 -5.19 2.73 3.03
N SER A 180 -6.36 2.13 3.06
CA SER A 180 -6.48 0.69 2.96
C SER A 180 -5.92 0.17 1.66
N LEU A 181 -6.25 0.84 0.55
CA LEU A 181 -5.77 0.43 -0.78
C LEU A 181 -4.20 0.54 -0.88
N ALA A 182 -3.65 1.61 -0.31
CA ALA A 182 -2.21 1.79 -0.32
C ALA A 182 -1.57 0.62 0.44
N MSE A 183 -2.18 0.21 1.54
CA MSE A 183 -1.61 -0.85 2.35
C MSE A 183 -1.68 -2.19 1.59
O MSE A 183 -0.73 -2.95 1.53
CB MSE A 183 -2.27 -0.87 3.73
CG MSE A 183 -1.60 0.19 4.60
SE MSE A 183 -2.35 0.41 6.41
CE MSE A 183 -3.74 1.29 5.91
N PHE A 184 -2.84 -2.48 0.99
CA PHE A 184 -3.02 -3.73 0.26
C PHE A 184 -2.17 -3.84 -0.99
N ALA A 185 -1.89 -2.68 -1.61
CA ALA A 185 -1.03 -2.60 -2.79
C ALA A 185 0.39 -3.08 -2.45
N ASP A 186 0.80 -2.87 -1.20
CA ASP A 186 2.16 -3.27 -0.76
C ASP A 186 2.27 -4.72 -0.27
N PHE A 187 1.37 -5.56 -0.77
CA PHE A 187 1.48 -7.00 -0.60
C PHE A 187 2.33 -7.66 -1.73
N LEU A 188 2.86 -6.83 -2.63
CA LEU A 188 3.66 -7.37 -3.74
C LEU A 188 4.90 -8.11 -3.27
N PRO A 189 5.54 -7.69 -2.15
CA PRO A 189 6.68 -8.54 -1.73
C PRO A 189 6.31 -10.03 -1.48
N ILE A 190 5.08 -10.28 -1.07
CA ILE A 190 4.60 -11.66 -0.87
C ILE A 190 4.49 -12.34 -2.22
N ALA A 191 4.05 -11.59 -3.23
CA ALA A 191 3.94 -12.14 -4.57
C ALA A 191 5.34 -12.47 -5.10
N LEU A 192 6.32 -11.67 -4.71
CA LEU A 192 7.71 -11.91 -5.18
C LEU A 192 8.23 -13.22 -4.57
N GLY A 193 7.97 -13.40 -3.28
CA GLY A 193 8.42 -14.61 -2.56
C GLY A 193 7.81 -15.83 -3.20
N ARG A 194 6.59 -15.71 -3.65
CA ARG A 194 5.95 -16.85 -4.32
C ARG A 194 6.53 -17.14 -5.71
N ALA A 195 6.83 -16.07 -6.44
CA ALA A 195 7.29 -16.18 -7.83
C ALA A 195 8.69 -16.74 -7.82
N THR A 196 9.49 -16.37 -6.82
CA THR A 196 10.89 -16.83 -6.79
C THR A 196 11.04 -18.14 -6.03
N GLY A 197 10.21 -18.33 -5.02
CA GLY A 197 10.30 -19.54 -4.17
C GLY A 197 11.00 -19.17 -2.86
N CYS A 198 11.26 -17.88 -2.70
CA CYS A 198 11.98 -17.37 -1.51
C CYS A 198 11.18 -16.44 -0.63
N SER A 199 10.80 -16.95 0.53
CA SER A 199 9.99 -16.19 1.50
C SER A 199 10.71 -14.91 1.97
N GLY A 202 12.29 -9.96 -1.40
CA GLY A 202 12.97 -8.66 -1.53
C GLY A 202 12.33 -7.51 -0.79
N ASN A 203 13.05 -6.41 -0.81
CA ASN A 203 12.60 -5.18 -0.19
C ASN A 203 12.21 -4.18 -1.26
N SER A 204 11.14 -3.48 -0.99
CA SER A 204 10.65 -2.45 -1.93
C SER A 204 11.58 -1.27 -2.05
N LEU A 205 11.74 -0.81 -3.27
CA LEU A 205 12.49 0.41 -3.54
C LEU A 205 11.58 1.63 -3.53
N ASP A 206 10.33 1.36 -3.81
CA ASP A 206 9.28 2.38 -3.95
C ASP A 206 7.90 1.74 -3.86
N ASN A 207 6.90 2.61 -3.85
CA ASN A 207 5.48 2.27 -3.92
C ASN A 207 4.82 3.30 -4.86
N SER A 208 3.95 2.80 -5.73
N SER A 208 3.97 2.79 -5.74
CA SER A 208 3.12 3.64 -6.61
CA SER A 208 3.13 3.62 -6.63
C SER A 208 1.70 3.16 -6.44
C SER A 208 1.70 3.15 -6.45
N LEU A 209 0.77 4.12 -6.39
CA LEU A 209 -0.70 3.83 -6.27
C LEU A 209 -1.51 4.77 -7.16
N ARG A 210 -2.46 4.20 -7.90
CA ARG A 210 -3.37 4.98 -8.74
C ARG A 210 -4.79 4.60 -8.32
N ILE A 211 -5.53 5.56 -7.77
CA ILE A 211 -6.85 5.25 -7.24
C ILE A 211 -7.94 5.70 -8.18
N THR A 212 -8.84 4.79 -8.55
CA THR A 212 -10.02 5.14 -9.34
C THR A 212 -11.23 5.37 -8.43
N GLY A 213 -11.37 4.57 -7.40
CA GLY A 213 -12.49 4.71 -6.49
C GLY A 213 -12.33 3.93 -5.21
N ALA A 214 -13.11 4.29 -4.23
CA ALA A 214 -13.02 3.66 -2.92
C ALA A 214 -14.23 2.79 -2.78
N ALA A 215 -14.27 2.09 -1.66
CA ALA A 215 -15.40 1.21 -1.39
C ALA A 215 -15.66 1.14 0.10
N ALA A 216 -16.84 0.65 0.42
CA ALA A 216 -17.26 0.42 1.78
C ALA A 216 -16.42 -0.75 2.33
N PRO A 217 -16.49 -0.99 3.65
CA PRO A 217 -15.76 -2.14 4.22
C PRO A 217 -16.09 -3.47 3.55
N GLY A 218 -15.07 -4.29 3.45
CA GLY A 218 -15.20 -5.61 2.90
C GLY A 218 -13.93 -6.20 2.35
N TRP A 219 -14.13 -7.27 1.61
CA TRP A 219 -13.07 -8.00 0.95
C TRP A 219 -12.53 -7.24 -0.24
N CYS A 220 -11.22 -7.36 -0.38
CA CYS A 220 -10.52 -6.77 -1.52
C CYS A 220 -9.75 -7.88 -2.24
N LEU A 221 -9.94 -8.01 -3.56
CA LEU A 221 -9.14 -8.93 -4.35
C LEU A 221 -7.84 -8.20 -4.68
N CYS A 222 -6.74 -8.77 -4.17
CA CYS A 222 -5.37 -8.27 -4.32
C CYS A 222 -4.76 -9.16 -5.41
N ASP A 223 -4.77 -8.60 -6.62
CA ASP A 223 -4.45 -9.32 -7.85
C ASP A 223 -3.10 -8.87 -8.42
N MSE A 224 -2.08 -9.69 -8.16
CA MSE A 224 -0.68 -9.39 -8.39
C MSE A 224 0.05 -10.21 -9.40
O MSE A 224 -0.24 -11.39 -9.64
CB MSE A 224 0.09 -9.58 -7.03
CG MSE A 224 -0.43 -8.71 -5.91
SE MSE A 224 0.39 -8.87 -4.20
CE MSE A 224 -0.38 -10.56 -3.74
N ILE A 225 1.02 -9.55 -10.03
CA ILE A 225 1.92 -10.24 -10.94
C ILE A 225 3.34 -9.74 -10.72
N ILE A 226 4.29 -10.66 -10.79
CA ILE A 226 5.74 -10.32 -10.85
C ILE A 226 6.15 -10.77 -12.26
N PRO A 227 6.27 -9.82 -13.20
CA PRO A 227 6.48 -10.27 -14.56
C PRO A 227 7.93 -10.58 -14.96
N SER A 228 8.86 -9.98 -14.27
CA SER A 228 10.25 -10.08 -14.61
C SER A 228 11.21 -9.57 -13.51
N SER A 229 12.45 -10.02 -13.66
N SER A 229 12.45 -9.98 -13.70
CA SER A 229 13.56 -9.65 -12.76
CA SER A 229 13.55 -9.69 -12.77
C SER A 229 14.86 -9.79 -13.52
C SER A 229 14.88 -9.80 -13.52
N ALA A 230 15.83 -9.00 -13.09
CA ALA A 230 17.17 -9.03 -13.65
C ALA A 230 18.11 -8.21 -12.79
N SER A 231 19.38 -8.64 -12.77
CA SER A 231 20.44 -7.88 -12.12
C SER A 231 20.20 -7.56 -10.65
N GLY A 232 19.50 -8.42 -9.95
CA GLY A 232 19.30 -8.20 -8.53
C GLY A 232 18.07 -7.44 -8.14
N PHE A 233 17.26 -7.12 -9.14
CA PHE A 233 16.00 -6.41 -8.94
C PHE A 233 14.85 -7.08 -9.63
N ALA A 234 13.67 -6.81 -9.12
CA ALA A 234 12.41 -7.28 -9.70
C ALA A 234 11.38 -6.18 -9.67
N GLN A 235 10.31 -6.41 -10.38
CA GLN A 235 9.18 -5.48 -10.39
C GLN A 235 7.89 -6.26 -10.29
N GLY A 236 6.88 -5.55 -9.81
CA GLY A 236 5.54 -6.10 -9.65
C GLY A 236 4.48 -5.04 -9.88
N GLN A 237 3.31 -5.54 -10.26
CA GLN A 237 2.11 -4.77 -10.46
C GLN A 237 0.95 -5.46 -9.75
N VAL A 238 0.04 -4.62 -9.31
CA VAL A 238 -1.16 -5.07 -8.55
C VAL A 238 -2.40 -4.27 -8.93
N THR A 239 -3.52 -4.98 -8.99
CA THR A 239 -4.85 -4.38 -9.17
C THR A 239 -5.63 -4.80 -7.93
N LEU A 240 -6.29 -3.81 -7.36
CA LEU A 240 -7.15 -3.95 -6.20
C LEU A 240 -8.61 -3.80 -6.63
N TRP A 241 -9.35 -4.89 -6.45
CA TRP A 241 -10.76 -4.92 -6.75
C TRP A 241 -11.60 -5.08 -5.50
N ASP A 242 -12.87 -4.65 -5.58
CA ASP A 242 -13.81 -4.99 -4.50
C ASP A 242 -14.31 -6.41 -4.70
N GLN A 243 -15.31 -6.81 -3.92
CA GLN A 243 -15.78 -8.21 -4.02
C GLN A 243 -16.70 -8.46 -5.23
N SER A 244 -17.08 -7.39 -5.89
CA SER A 244 -18.03 -7.42 -6.99
C SER A 244 -17.47 -7.11 -8.34
N GLY A 245 -16.16 -7.07 -8.46
CA GLY A 245 -15.52 -6.85 -9.74
C GLY A 245 -15.24 -5.42 -10.12
N ARG A 246 -15.38 -4.49 -9.17
CA ARG A 246 -15.08 -3.08 -9.47
C ARG A 246 -13.65 -2.83 -9.13
N LEU A 247 -12.96 -2.17 -10.07
CA LEU A 247 -11.56 -1.83 -9.91
C LEU A 247 -11.45 -0.55 -9.07
N LEU A 248 -10.78 -0.68 -7.94
CA LEU A 248 -10.58 0.42 -7.00
C LEU A 248 -9.28 1.16 -7.25
N ALA A 249 -8.21 0.39 -7.39
CA ALA A 249 -6.90 0.97 -7.61
C ALA A 249 -5.95 0.04 -8.27
N THR A 250 -4.85 0.59 -8.75
CA THR A 250 -3.70 -0.23 -9.19
C THR A 250 -2.47 0.31 -8.51
N GLY A 251 -1.42 -0.51 -8.51
CA GLY A 251 -0.17 -0.15 -7.88
C GLY A 251 0.97 -0.91 -8.51
N ALA A 252 2.14 -0.50 -8.15
CA ALA A 252 3.35 -1.15 -8.64
C ALA A 252 4.51 -0.76 -7.78
N GLN A 253 5.58 -1.55 -7.89
CA GLN A 253 6.85 -1.28 -7.23
C GLN A 253 7.97 -2.12 -7.83
N SER A 254 9.18 -1.68 -7.53
CA SER A 254 10.41 -2.40 -7.85
C SER A 254 10.98 -2.84 -6.53
N LEU A 255 11.70 -3.94 -6.56
CA LEU A 255 12.24 -4.53 -5.35
C LEU A 255 13.68 -4.97 -5.50
N LEU A 256 14.42 -4.86 -4.39
CA LEU A 256 15.82 -5.32 -4.32
C LEU A 256 15.74 -6.74 -3.81
N LEU A 257 16.35 -7.63 -4.57
CA LEU A 257 16.31 -9.05 -4.24
C LEU A 257 17.26 -9.39 -3.09
N LYS A 258 16.79 -10.27 -2.23
CA LYS A 258 17.60 -10.77 -1.13
C LYS A 258 18.47 -11.83 -1.77
N GLY A 259 19.76 -11.75 -1.53
CA GLY A 259 20.63 -12.76 -2.09
C GLY A 259 22.07 -12.45 -1.82
CA CA B . -4.74 23.29 3.67
C1 PGE C . -17.79 -1.73 -12.13
O1 PGE C . -18.65 -2.87 -12.09
C2 PGE C . -18.48 -0.46 -12.65
O2 PGE C . -17.48 0.55 -12.71
C3 PGE C . -17.98 1.88 -12.48
C4 PGE C . -18.32 2.06 -11.02
O4 PGE C . -18.14 4.42 -7.53
C6 PGE C . -18.06 4.15 -8.93
C5 PGE C . -19.33 3.45 -9.42
O3 PGE C . -19.25 3.12 -10.82
C1 GOL D . -3.53 -8.23 -12.80
O1 GOL D . -4.07 -8.70 -14.01
C2 GOL D . -2.60 -7.13 -13.17
O2 GOL D . -1.90 -7.46 -14.30
C3 GOL D . -1.70 -6.69 -12.05
O3 GOL D . -2.09 -5.35 -11.88
C1 GOL E . -6.19 -5.05 -14.21
O1 GOL E . -5.73 -3.71 -14.13
C2 GOL E . -6.26 -5.69 -15.59
O2 GOL E . -7.35 -6.61 -15.64
C3 GOL E . -4.99 -6.47 -15.90
O3 GOL E . -4.48 -6.19 -17.20
C1 GOL F . -13.57 -11.87 -8.95
O1 GOL F . -14.49 -12.60 -9.73
C2 GOL F . -14.28 -10.74 -8.24
O2 GOL F . -15.41 -10.37 -9.00
C3 GOL F . -13.30 -9.57 -8.08
O3 GOL F . -13.97 -8.48 -7.54
C1 GOL G . -18.85 8.60 -10.04
O1 GOL G . -19.21 7.33 -9.53
C2 GOL G . -20.10 9.18 -10.67
O2 GOL G . -20.69 8.09 -11.33
C3 GOL G . -19.77 10.28 -11.66
O3 GOL G . -20.91 10.95 -12.22
C1 PEG H . -14.56 8.48 -20.41
O1 PEG H . -15.13 7.85 -21.55
C2 PEG H . -15.04 9.91 -20.30
O2 PEG H . -15.71 10.07 -19.04
C3 PEG H . -16.53 11.23 -19.00
C4 PEG H . -17.84 10.95 -19.66
O4 PEG H . -18.73 11.90 -19.15
C1 PEG I . -17.36 18.89 -17.64
O1 PEG I . -16.09 19.57 -17.63
C2 PEG I . -17.62 18.33 -19.04
O2 PEG I . -16.81 17.17 -19.23
C3 PEG I . -17.55 15.99 -19.52
C4 PEG I . -17.41 15.65 -21.00
O4 PEG I . -16.92 14.31 -21.20
#